data_6V3C
#
_entry.id   6V3C
#
_cell.length_a   67.737
_cell.length_b   120.708
_cell.length_c   127.274
_cell.angle_alpha   90.000
_cell.angle_beta   90.000
_cell.angle_gamma   90.000
#
_symmetry.space_group_name_H-M   'P 21 21 21'
#
loop_
_entity.id
_entity.type
_entity.pdbx_description
1 polymer 'Potassium channel subfamily K member 2'
2 non-polymer 'ruthenium(6+) formate azanide tetraamino(formato-kappaO)oxidoruthenate(1-) (1/1/4/1)'
3 non-polymer 'CADMIUM ION'
4 non-polymer 'POTASSIUM ION'
5 non-polymer N-OCTANE
6 non-polymer PENTANE
7 non-polymer HEXANE
8 water water
#
_entity_poly.entity_id   1
_entity_poly.type   'polypeptide(L)'
_entity_poly.pdbx_seq_one_letter_code
;MSFSSKPTVLASRVESDSAINVMKWKTVSTIFLVVVLYLIIGATVFKALEQPQEISQRTTIVIQREKFLRAHPCVSDQEL
DELIQQIVAADNAGIIPLGASSNQVSHWDLGSSFFFAGTVITTIGFGNISPRTEGGKIFCIIYALLGIPLFGFLLAGVGD
QLGTIFGKGIAKVEDTFIKWNVSQTKIRIISTIIFILFGCVLFVALPAVIFKHIEGWSALDAIYFVVITLTTIGFGDYVA
GGSDIEYLDFYKPVVWFWILVGLAYFAAVLSMIGDWLRVIAKKTKEAVGEFRAHAAEWTANVTSNSLEVLFQ
;
_entity_poly.pdbx_strand_id   A,B
#
loop_
_chem_comp.id
_chem_comp.type
_chem_comp.name
_chem_comp.formula
CD non-polymer 'CADMIUM ION' 'Cd 2'
HEX non-polymer HEXANE 'C6 H14'
K non-polymer 'POTASSIUM ION' 'K 1'
LNK non-polymer PENTANE 'C5 H12'
OCT non-polymer N-OCTANE 'C8 H18'
RU3 non-polymer 'ruthenium(6+) formate azanide tetraamino(formato-kappaO)oxidoruthenate(1-) (1/1/4/1)' 'C2 H18 N8 O5 Ru2'
#
# COMPACT_ATOMS: atom_id res chain seq x y z
N LYS A 26 -17.12 -24.47 3.23
CA LYS A 26 -17.47 -23.07 3.48
C LYS A 26 -17.48 -22.82 5.00
N THR A 27 -17.58 -23.89 5.77
CA THR A 27 -17.44 -23.77 7.22
C THR A 27 -16.06 -23.24 7.58
N VAL A 28 -15.04 -23.65 6.83
CA VAL A 28 -13.71 -23.05 6.98
C VAL A 28 -13.73 -21.60 6.51
N SER A 29 -14.49 -21.31 5.46
CA SER A 29 -14.57 -19.96 4.93
C SER A 29 -15.17 -18.95 5.91
N THR A 30 -15.71 -19.41 7.04
CA THR A 30 -16.14 -18.50 8.09
C THR A 30 -14.97 -17.76 8.75
N ILE A 31 -13.74 -17.98 8.28
CA ILE A 31 -12.63 -17.10 8.63
C ILE A 31 -13.04 -15.65 8.43
N PHE A 32 -13.88 -15.39 7.43
CA PHE A 32 -14.51 -14.08 7.23
C PHE A 32 -14.98 -13.46 8.53
N LEU A 33 -15.79 -14.20 9.29
CA LEU A 33 -16.33 -13.66 10.53
C LEU A 33 -15.22 -13.37 11.54
N VAL A 34 -14.22 -14.25 11.61
CA VAL A 34 -13.08 -14.01 12.50
C VAL A 34 -12.32 -12.77 12.05
N VAL A 35 -12.17 -12.59 10.73
CA VAL A 35 -11.52 -11.39 10.20
C VAL A 35 -12.32 -10.15 10.58
N VAL A 36 -13.65 -10.23 10.48
CA VAL A 36 -14.49 -9.09 10.85
C VAL A 36 -14.31 -8.75 12.32
N LEU A 37 -14.25 -9.77 13.18
CA LEU A 37 -13.93 -9.55 14.58
C LEU A 37 -12.56 -8.91 14.74
N TYR A 38 -11.54 -9.51 14.12
CA TYR A 38 -10.20 -8.93 14.16
C TYR A 38 -10.20 -7.48 13.72
N LEU A 39 -11.11 -7.13 12.79
CA LEU A 39 -11.26 -5.74 12.36
C LEU A 39 -12.00 -4.90 13.39
N ILE A 40 -13.15 -5.40 13.89
CA ILE A 40 -13.89 -4.70 14.93
C ILE A 40 -13.01 -4.46 16.15
N ILE A 41 -12.24 -5.49 16.54
CA ILE A 41 -11.32 -5.36 17.66
C ILE A 41 -10.30 -4.26 17.37
N GLY A 42 -9.60 -4.36 16.24
CA GLY A 42 -8.66 -3.32 15.87
C GLY A 42 -9.30 -1.96 15.80
N ALA A 43 -10.52 -1.88 15.27
CA ALA A 43 -11.26 -0.63 15.22
C ALA A 43 -11.37 0.00 16.60
N THR A 44 -11.91 -0.75 17.55
CA THR A 44 -12.05 -0.23 18.91
C THR A 44 -10.71 0.18 19.51
N VAL A 45 -9.63 -0.46 19.09
CA VAL A 45 -8.32 -0.12 19.64
C VAL A 45 -7.80 1.18 19.04
N PHE A 46 -7.89 1.33 17.71
CA PHE A 46 -7.38 2.54 17.09
C PHE A 46 -8.13 3.77 17.55
N LYS A 47 -9.46 3.71 17.60
CA LYS A 47 -10.22 4.84 18.11
C LYS A 47 -9.98 5.07 19.60
N ALA A 48 -9.53 4.05 20.32
CA ALA A 48 -9.06 4.22 21.70
C ALA A 48 -7.59 4.59 21.76
N LEU A 49 -6.90 4.67 20.62
CA LEU A 49 -5.53 5.13 20.56
C LEU A 49 -5.32 6.40 19.74
N GLU A 50 -6.30 6.83 18.95
CA GLU A 50 -6.02 7.94 18.05
C GLU A 50 -7.01 9.07 18.14
N GLN A 51 -8.28 8.78 18.41
CA GLN A 51 -9.27 9.86 18.56
C GLN A 51 -8.95 10.83 19.69
N PRO A 52 -8.34 10.43 20.84
CA PRO A 52 -7.95 11.42 21.84
C PRO A 52 -6.98 12.48 21.35
N GLN A 53 -5.81 12.10 20.82
CA GLN A 53 -4.88 13.11 20.34
C GLN A 53 -5.43 13.86 19.14
N GLU A 54 -6.33 13.24 18.39
CA GLU A 54 -7.08 13.97 17.37
C GLU A 54 -7.69 15.24 17.94
N ILE A 55 -8.39 15.11 19.07
CA ILE A 55 -9.06 16.26 19.69
C ILE A 55 -8.04 17.29 20.15
N SER A 56 -6.94 16.83 20.76
CA SER A 56 -5.91 17.76 21.21
C SER A 56 -5.34 18.55 20.04
N GLN A 57 -4.99 17.85 18.96
CA GLN A 57 -4.47 18.51 17.77
C GLN A 57 -5.52 19.46 17.17
N ARG A 58 -6.76 18.99 17.05
CA ARG A 58 -7.80 19.77 16.38
C ARG A 58 -8.23 20.97 17.20
N THR A 59 -8.05 20.95 18.52
CA THR A 59 -8.31 22.13 19.33
C THR A 59 -7.10 23.06 19.36
N THR A 60 -5.89 22.52 19.24
CA THR A 60 -4.71 23.36 19.14
C THR A 60 -4.56 24.00 17.77
N ILE A 61 -5.33 23.58 16.77
CA ILE A 61 -5.36 24.29 15.49
C ILE A 61 -6.24 25.52 15.58
N VAL A 62 -7.40 25.37 16.24
CA VAL A 62 -8.30 26.50 16.43
C VAL A 62 -7.60 27.64 17.17
N ILE A 63 -6.82 27.31 18.20
CA ILE A 63 -6.08 28.32 18.95
C ILE A 63 -5.10 29.05 18.05
N GLN A 64 -4.48 28.33 17.12
CA GLN A 64 -3.50 28.93 16.22
C GLN A 64 -4.15 29.92 15.26
N ARG A 65 -5.33 29.59 14.75
CA ARG A 65 -5.99 30.46 13.78
C ARG A 65 -6.36 31.78 14.42
N GLU A 66 -7.00 31.71 15.59
CA GLU A 66 -7.38 32.92 16.32
C GLU A 66 -6.14 33.67 16.79
N LYS A 67 -5.04 32.95 17.02
CA LYS A 67 -3.76 33.59 17.30
C LYS A 67 -3.18 34.27 16.08
N PHE A 68 -3.71 34.01 14.89
CA PHE A 68 -3.24 34.63 13.66
CA PHE A 68 -3.20 34.66 13.70
C PHE A 68 -4.11 35.78 13.19
N LEU A 69 -5.40 35.76 13.52
CA LEU A 69 -6.24 36.91 13.19
C LEU A 69 -6.06 38.03 14.20
N ARG A 70 -5.96 37.69 15.50
CA ARG A 70 -5.74 38.71 16.52
C ARG A 70 -4.33 39.28 16.45
N ALA A 71 -3.31 38.43 16.31
CA ALA A 71 -1.94 38.93 16.27
C ALA A 71 -1.62 39.65 14.96
N HIS A 72 -2.45 39.47 13.93
CA HIS A 72 -2.29 40.15 12.66
C HIS A 72 -3.63 40.77 12.29
N PRO A 73 -3.99 41.88 12.95
CA PRO A 73 -5.34 42.44 12.77
C PRO A 73 -5.62 42.91 11.34
N CYS A 74 -4.61 43.12 10.52
CA CYS A 74 -4.87 43.52 9.14
C CYS A 74 -5.41 42.37 8.32
N VAL A 75 -4.96 41.15 8.60
CA VAL A 75 -5.59 39.97 8.02
C VAL A 75 -6.93 39.72 8.71
N SER A 76 -7.99 39.60 7.92
CA SER A 76 -9.32 39.45 8.46
C SER A 76 -9.76 37.99 8.39
N ASP A 77 -10.95 37.72 8.93
CA ASP A 77 -11.62 36.44 8.77
C ASP A 77 -11.63 35.99 7.30
N GLN A 78 -11.77 36.94 6.38
CA GLN A 78 -12.07 36.61 5.00
C GLN A 78 -10.80 36.19 4.25
N GLU A 79 -9.75 37.01 4.36
CA GLU A 79 -8.46 36.66 3.74
C GLU A 79 -7.93 35.32 4.21
N LEU A 80 -8.20 34.93 5.46
CA LEU A 80 -7.75 33.63 5.92
C LEU A 80 -8.46 32.50 5.18
N ASP A 81 -9.76 32.62 4.95
CA ASP A 81 -10.49 31.54 4.29
C ASP A 81 -9.97 31.32 2.87
N GLU A 82 -9.78 32.40 2.12
CA GLU A 82 -9.22 32.30 0.77
C GLU A 82 -7.84 31.66 0.79
N LEU A 83 -7.02 32.03 1.78
CA LEU A 83 -5.69 31.45 1.93
C LEU A 83 -5.77 29.95 2.15
N ILE A 84 -6.64 29.52 3.08
CA ILE A 84 -6.76 28.09 3.37
C ILE A 84 -7.25 27.33 2.14
N GLN A 85 -8.17 27.93 1.37
CA GLN A 85 -8.68 27.28 0.18
C GLN A 85 -7.57 27.05 -0.85
N GLN A 86 -6.78 28.09 -1.11
CA GLN A 86 -5.73 27.99 -2.11
C GLN A 86 -4.56 27.11 -1.67
N ILE A 87 -4.44 26.83 -0.38
CA ILE A 87 -3.41 25.91 0.09
C ILE A 87 -3.93 24.46 0.13
N VAL A 88 -5.21 24.27 0.41
CA VAL A 88 -5.83 22.96 0.18
C VAL A 88 -5.78 22.62 -1.31
N ALA A 89 -5.83 23.64 -2.17
CA ALA A 89 -5.60 23.43 -3.59
C ALA A 89 -4.13 23.14 -3.87
N ALA A 90 -3.23 23.77 -3.12
CA ALA A 90 -1.80 23.46 -3.25
C ALA A 90 -1.49 22.05 -2.77
N ASP A 91 -2.42 21.42 -2.06
CA ASP A 91 -2.22 20.05 -1.61
C ASP A 91 -2.25 19.09 -2.80
N ASN A 92 -3.13 19.34 -3.76
CA ASN A 92 -3.14 18.59 -5.00
C ASN A 92 -1.91 18.95 -5.84
N SER A 106 11.81 19.61 -5.76
CA SER A 106 10.88 19.37 -6.86
C SER A 106 10.58 17.88 -7.01
N HIS A 107 9.34 17.58 -7.40
CA HIS A 107 8.88 16.21 -7.60
C HIS A 107 8.84 15.88 -9.10
N TRP A 108 8.63 14.59 -9.38
CA TRP A 108 8.71 14.03 -10.73
C TRP A 108 10.01 14.41 -11.45
N ASP A 109 11.11 14.55 -10.72
CA ASP A 109 12.35 14.97 -11.35
C ASP A 109 12.92 13.80 -12.15
N LEU A 110 14.17 13.92 -12.60
CA LEU A 110 14.77 12.83 -13.36
C LEU A 110 14.82 11.53 -12.57
N GLY A 111 14.78 11.60 -11.24
CA GLY A 111 14.84 10.42 -10.41
C GLY A 111 13.58 10.09 -9.62
N SER A 112 12.82 11.10 -9.20
CA SER A 112 11.64 10.85 -8.39
C SER A 112 10.57 10.07 -9.17
N SER A 113 10.54 10.24 -10.49
CA SER A 113 9.63 9.45 -11.31
C SER A 113 10.06 7.98 -11.37
N PHE A 114 11.37 7.73 -11.25
CA PHE A 114 11.85 6.35 -11.18
C PHE A 114 11.38 5.69 -9.89
N PHE A 115 11.38 6.45 -8.79
CA PHE A 115 11.01 5.93 -7.48
C PHE A 115 9.51 5.81 -7.35
N PHE A 116 8.77 6.69 -8.00
CA PHE A 116 7.33 6.48 -8.18
C PHE A 116 7.07 5.14 -8.86
N ALA A 117 7.74 4.90 -9.99
CA ALA A 117 7.60 3.63 -10.67
C ALA A 117 7.98 2.46 -9.77
N GLY A 118 8.96 2.68 -8.90
CA GLY A 118 9.29 1.66 -7.90
C GLY A 118 8.14 1.39 -6.95
N THR A 119 7.47 2.45 -6.49
CA THR A 119 6.30 2.26 -5.63
C THR A 119 5.14 1.62 -6.36
N VAL A 120 5.03 1.85 -7.67
CA VAL A 120 3.90 1.31 -8.43
C VAL A 120 4.00 -0.20 -8.56
N ILE A 121 5.18 -0.71 -8.92
CA ILE A 121 5.31 -2.14 -9.17
C ILE A 121 5.37 -2.93 -7.88
N THR A 122 5.90 -2.33 -6.80
CA THR A 122 5.98 -3.00 -5.51
C THR A 122 4.65 -3.02 -4.76
N THR A 123 3.63 -2.34 -5.28
CA THR A 123 2.35 -2.17 -4.61
C THR A 123 2.50 -1.52 -3.23
N ILE A 124 3.60 -0.80 -3.00
CA ILE A 124 3.73 -0.03 -1.77
C ILE A 124 2.94 1.26 -1.87
N GLY A 125 3.17 2.03 -2.93
CA GLY A 125 2.39 3.22 -3.23
C GLY A 125 2.25 4.21 -2.09
N PHE A 126 3.35 4.86 -1.70
CA PHE A 126 3.30 5.82 -0.61
C PHE A 126 2.27 6.92 -0.85
N GLY A 127 2.07 7.32 -2.10
CA GLY A 127 1.15 8.40 -2.40
C GLY A 127 1.69 9.78 -2.12
N ASN A 128 2.94 9.91 -1.69
CA ASN A 128 3.54 11.22 -1.47
C ASN A 128 3.53 12.05 -2.75
N ILE A 129 3.74 11.40 -3.89
CA ILE A 129 3.61 12.04 -5.20
C ILE A 129 2.76 11.11 -6.07
N SER A 130 1.58 11.59 -6.46
CA SER A 130 0.62 10.79 -7.20
C SER A 130 0.33 11.43 -8.57
N PRO A 131 -0.04 10.63 -9.57
CA PRO A 131 -0.24 11.19 -10.91
C PRO A 131 -1.50 12.04 -10.99
N ARG A 132 -1.37 13.17 -11.69
CA ARG A 132 -2.47 14.10 -11.88
C ARG A 132 -2.90 14.24 -13.33
N THR A 133 -2.01 13.97 -14.28
CA THR A 133 -2.36 14.05 -15.69
C THR A 133 -3.29 12.91 -16.07
N GLU A 134 -4.25 13.20 -16.95
CA GLU A 134 -5.20 12.19 -17.38
C GLU A 134 -4.48 11.02 -18.04
N GLY A 135 -3.55 11.32 -18.96
CA GLY A 135 -2.72 10.27 -19.53
C GLY A 135 -1.75 9.68 -18.53
N GLY A 136 -1.30 10.48 -17.56
CA GLY A 136 -0.48 9.95 -16.49
C GLY A 136 -1.20 8.93 -15.65
N LYS A 137 -2.51 9.15 -15.42
CA LYS A 137 -3.30 8.18 -14.67
C LYS A 137 -3.46 6.88 -15.46
N ILE A 138 -3.80 6.99 -16.75
CA ILE A 138 -3.98 5.80 -17.57
C ILE A 138 -2.66 5.04 -17.68
N PHE A 139 -1.56 5.76 -17.94
CA PHE A 139 -0.26 5.12 -17.96
C PHE A 139 0.04 4.44 -16.62
N CYS A 140 -0.30 5.10 -15.51
CA CYS A 140 -0.08 4.50 -14.21
C CYS A 140 -0.91 3.22 -14.05
N ILE A 141 -2.13 3.21 -14.58
CA ILE A 141 -2.95 2.01 -14.56
C ILE A 141 -2.26 0.88 -15.33
N ILE A 142 -1.91 1.15 -16.59
CA ILE A 142 -1.26 0.14 -17.42
C ILE A 142 0.09 -0.24 -16.84
N TYR A 143 0.83 0.74 -16.32
CA TYR A 143 2.17 0.46 -15.82
C TYR A 143 2.12 -0.44 -14.60
N ALA A 144 1.07 -0.31 -13.79
CA ALA A 144 0.90 -1.20 -12.63
C ALA A 144 0.47 -2.59 -13.07
N LEU A 145 -0.53 -2.66 -13.96
CA LEU A 145 -1.05 -3.95 -14.39
C LEU A 145 0.02 -4.83 -15.02
N LEU A 146 1.06 -4.22 -15.59
CA LEU A 146 2.15 -4.96 -16.21
C LEU A 146 3.36 -5.09 -15.32
N GLY A 147 3.64 -4.10 -14.48
CA GLY A 147 4.80 -4.13 -13.63
C GLY A 147 4.66 -5.03 -12.42
N ILE A 148 3.48 -5.03 -11.80
CA ILE A 148 3.25 -5.87 -10.62
C ILE A 148 3.57 -7.33 -10.88
N PRO A 149 3.14 -7.95 -11.98
CA PRO A 149 3.59 -9.32 -12.25
C PRO A 149 5.10 -9.40 -12.47
N LEU A 150 5.65 -8.52 -13.30
CA LEU A 150 7.09 -8.50 -13.54
C LEU A 150 7.88 -8.42 -12.24
N PHE A 151 7.54 -7.45 -11.40
CA PHE A 151 8.24 -7.35 -10.11
C PHE A 151 8.01 -8.59 -9.26
N GLY A 152 6.86 -9.25 -9.44
CA GLY A 152 6.63 -10.51 -8.74
C GLY A 152 7.64 -11.57 -9.12
N PHE A 153 8.01 -11.63 -10.40
CA PHE A 153 9.03 -12.58 -10.84
C PHE A 153 10.40 -12.21 -10.29
N LEU A 154 10.74 -10.91 -10.32
CA LEU A 154 12.00 -10.47 -9.75
C LEU A 154 12.08 -10.82 -8.27
N LEU A 155 11.05 -10.44 -7.50
CA LEU A 155 11.07 -10.70 -6.07
C LEU A 155 11.08 -12.20 -5.78
N ALA A 156 10.42 -13.00 -6.64
CA ALA A 156 10.48 -14.44 -6.49
C ALA A 156 11.89 -14.96 -6.73
N GLY A 157 12.58 -14.40 -7.74
CA GLY A 157 13.95 -14.82 -7.99
C GLY A 157 14.90 -14.39 -6.89
N VAL A 158 14.73 -13.17 -6.38
CA VAL A 158 15.56 -12.71 -5.27
C VAL A 158 15.27 -13.51 -4.01
N GLY A 159 14.01 -13.84 -3.78
CA GLY A 159 13.66 -14.63 -2.60
C GLY A 159 14.25 -16.04 -2.64
N ASP A 160 14.15 -16.70 -3.80
CA ASP A 160 14.74 -18.02 -3.92
C ASP A 160 16.26 -17.96 -3.79
N GLN A 161 16.88 -16.95 -4.38
CA GLN A 161 18.32 -16.78 -4.26
C GLN A 161 18.72 -16.54 -2.82
N LEU A 162 17.96 -15.69 -2.11
CA LEU A 162 18.29 -15.40 -0.71
C LEU A 162 17.94 -16.56 0.20
N GLY A 163 16.91 -17.34 -0.16
CA GLY A 163 16.57 -18.52 0.61
C GLY A 163 17.65 -19.59 0.54
N THR A 164 18.33 -19.68 -0.60
CA THR A 164 19.46 -20.62 -0.71
C THR A 164 20.72 -20.06 -0.06
N ILE A 165 20.92 -18.74 -0.12
CA ILE A 165 22.01 -18.12 0.65
C ILE A 165 21.80 -18.36 2.14
N PHE A 166 20.55 -18.21 2.60
CA PHE A 166 20.22 -18.57 3.97
C PHE A 166 20.44 -20.07 4.21
N GLY A 167 20.07 -20.91 3.24
CA GLY A 167 20.20 -22.34 3.42
C GLY A 167 21.64 -22.78 3.62
N LYS A 168 22.58 -22.15 2.91
CA LYS A 168 23.99 -22.46 3.10
C LYS A 168 24.42 -22.21 4.54
N GLY A 169 24.04 -21.05 5.08
CA GLY A 169 24.46 -20.71 6.42
C GLY A 169 23.86 -21.60 7.49
N ILE A 170 22.60 -21.98 7.33
CA ILE A 170 21.92 -22.72 8.40
C ILE A 170 22.14 -24.22 8.30
N ALA A 171 22.32 -24.76 7.10
CA ALA A 171 22.69 -26.17 7.00
C ALA A 171 24.00 -26.46 7.73
N LYS A 172 24.83 -25.43 7.94
CA LYS A 172 26.10 -25.53 8.63
C LYS A 172 25.96 -25.34 10.14
N VAL A 173 25.18 -24.33 10.55
CA VAL A 173 25.00 -24.05 11.97
C VAL A 173 24.04 -25.03 12.64
N GLU A 174 23.18 -25.70 11.87
CA GLU A 174 22.10 -26.53 12.40
C GLU A 174 22.49 -28.01 12.46
N GLN A 184 16.83 -33.42 17.34
CA GLN A 184 16.70 -33.03 15.95
C GLN A 184 15.39 -32.29 15.68
N THR A 185 14.28 -32.86 16.15
CA THR A 185 12.97 -32.23 15.95
C THR A 185 12.91 -30.88 16.64
N LYS A 186 13.49 -30.78 17.84
CA LYS A 186 13.49 -29.51 18.57
C LYS A 186 14.36 -28.47 17.88
N ILE A 187 15.40 -28.91 17.17
CA ILE A 187 16.34 -27.98 16.55
C ILE A 187 15.67 -27.11 15.49
N ARG A 188 14.57 -27.60 14.91
CA ARG A 188 13.86 -26.81 13.91
C ARG A 188 13.35 -25.50 14.49
N ILE A 189 12.96 -25.50 15.76
CA ILE A 189 12.51 -24.26 16.40
C ILE A 189 13.69 -23.31 16.60
N ILE A 190 14.84 -23.84 17.04
CA ILE A 190 16.02 -22.98 17.21
C ILE A 190 16.44 -22.40 15.86
N SER A 191 16.34 -23.19 14.79
CA SER A 191 16.71 -22.70 13.47
C SER A 191 15.80 -21.55 13.03
N THR A 192 14.50 -21.69 13.27
CA THR A 192 13.57 -20.61 12.94
C THR A 192 13.83 -19.38 13.80
N ILE A 193 14.22 -19.58 15.07
CA ILE A 193 14.55 -18.45 15.93
C ILE A 193 15.77 -17.72 15.38
N ILE A 194 16.78 -18.47 14.94
CA ILE A 194 17.99 -17.83 14.40
C ILE A 194 17.67 -17.12 13.09
N PHE A 195 16.75 -17.67 12.28
CA PHE A 195 16.27 -16.97 11.09
C PHE A 195 15.69 -15.61 11.44
N ILE A 196 14.62 -15.60 12.24
CA ILE A 196 13.91 -14.37 12.54
C ILE A 196 14.81 -13.40 13.30
N LEU A 197 15.69 -13.93 14.15
CA LEU A 197 16.59 -13.07 14.91
C LEU A 197 17.56 -12.34 13.98
N PHE A 198 18.30 -13.08 13.17
CA PHE A 198 19.31 -12.49 12.32
C PHE A 198 18.69 -11.70 11.17
N GLY A 199 17.45 -12.01 10.81
CA GLY A 199 16.75 -11.25 9.78
C GLY A 199 16.26 -9.91 10.25
N CYS A 200 15.68 -9.87 11.46
CA CYS A 200 15.29 -8.59 12.04
C CYS A 200 16.50 -7.69 12.30
N VAL A 201 17.67 -8.30 12.49
CA VAL A 201 18.89 -7.50 12.62
C VAL A 201 19.22 -6.83 11.29
N LEU A 202 19.35 -7.62 10.22
CA LEU A 202 19.82 -7.09 8.95
C LEU A 202 18.78 -6.22 8.26
N PHE A 203 17.50 -6.59 8.36
CA PHE A 203 16.48 -5.95 7.54
C PHE A 203 15.53 -5.06 8.33
N VAL A 204 15.66 -5.01 9.66
CA VAL A 204 14.85 -4.12 10.50
C VAL A 204 15.74 -3.24 11.37
N ALA A 205 16.66 -3.84 12.11
CA ALA A 205 17.45 -3.09 13.07
C ALA A 205 18.42 -2.13 12.38
N LEU A 206 19.34 -2.66 11.58
CA LEU A 206 20.36 -1.82 10.96
C LEU A 206 19.79 -0.75 10.04
N PRO A 207 18.83 -1.04 9.14
CA PRO A 207 18.32 0.05 8.29
C PRO A 207 17.49 1.07 9.05
N ALA A 208 16.83 0.68 10.15
CA ALA A 208 16.09 1.66 10.94
C ALA A 208 17.04 2.62 11.64
N VAL A 209 18.18 2.11 12.12
CA VAL A 209 19.19 2.99 12.71
C VAL A 209 19.76 3.93 11.66
N ILE A 210 19.95 3.43 10.44
CA ILE A 210 20.37 4.29 9.33
C ILE A 210 19.33 5.37 9.05
N PHE A 211 18.05 4.98 9.04
CA PHE A 211 16.98 5.96 8.82
C PHE A 211 16.86 6.92 9.99
N LYS A 212 17.06 6.43 11.21
CA LYS A 212 16.96 7.28 12.39
C LYS A 212 18.00 8.40 12.36
N HIS A 213 19.27 8.04 12.10
CA HIS A 213 20.32 9.04 12.01
C HIS A 213 20.12 9.96 10.81
N ILE A 214 20.10 9.38 9.61
CA ILE A 214 20.18 10.19 8.40
C ILE A 214 18.89 10.97 8.18
N GLU A 215 17.74 10.31 8.31
CA GLU A 215 16.50 10.94 7.92
C GLU A 215 15.88 11.79 9.04
N GLY A 216 16.32 11.60 10.28
CA GLY A 216 15.86 12.44 11.38
C GLY A 216 14.58 11.96 12.03
N TRP A 217 14.50 10.65 12.27
CA TRP A 217 13.33 10.02 12.86
C TRP A 217 13.67 9.48 14.24
N SER A 218 12.66 8.96 14.92
CA SER A 218 12.88 8.32 16.20
C SER A 218 13.14 6.83 15.99
N ALA A 219 13.45 6.13 17.08
CA ALA A 219 13.61 4.68 17.00
C ALA A 219 12.30 4.01 16.60
N LEU A 220 11.18 4.49 17.12
CA LEU A 220 9.89 3.94 16.74
C LEU A 220 9.49 4.36 15.33
N ASP A 221 9.65 5.64 15.00
CA ASP A 221 9.33 6.10 13.65
C ASP A 221 10.12 5.32 12.61
N ALA A 222 11.39 5.02 12.90
CA ALA A 222 12.19 4.22 11.98
C ALA A 222 11.62 2.81 11.85
N ILE A 223 11.41 2.13 12.98
CA ILE A 223 10.86 0.77 12.95
C ILE A 223 9.46 0.78 12.34
N TYR A 224 8.66 1.80 12.68
CA TYR A 224 7.35 1.95 12.06
C TYR A 224 7.46 2.05 10.54
N PHE A 225 8.36 2.90 10.05
CA PHE A 225 8.56 3.03 8.61
C PHE A 225 9.02 1.72 7.98
N VAL A 226 9.95 1.01 8.63
CA VAL A 226 10.47 -0.23 8.06
C VAL A 226 9.35 -1.24 7.86
N VAL A 227 8.48 -1.39 8.86
CA VAL A 227 7.39 -2.36 8.76
C VAL A 227 6.39 -1.93 7.70
N ILE A 228 5.92 -0.69 7.78
CA ILE A 228 4.90 -0.20 6.84
C ILE A 228 5.39 -0.30 5.41
N THR A 229 6.69 -0.10 5.18
CA THR A 229 7.23 -0.19 3.83
C THR A 229 7.32 -1.65 3.38
N LEU A 230 8.05 -2.47 4.14
CA LEU A 230 8.34 -3.82 3.69
C LEU A 230 7.16 -4.76 3.81
N THR A 231 6.06 -4.35 4.43
CA THR A 231 4.81 -5.09 4.37
C THR A 231 3.93 -4.65 3.22
N THR A 232 4.46 -3.84 2.30
CA THR A 232 3.74 -3.35 1.13
C THR A 232 2.48 -2.57 1.51
N ILE A 233 2.46 -1.97 2.69
CA ILE A 233 1.32 -1.16 3.11
C ILE A 233 1.54 0.28 2.67
N GLY A 234 2.61 0.90 3.17
CA GLY A 234 3.03 2.21 2.68
C GLY A 234 2.02 3.33 2.77
N PHE A 235 1.71 3.78 3.99
CA PHE A 235 0.74 4.87 4.13
C PHE A 235 1.26 6.16 3.49
N GLY A 236 2.56 6.41 3.61
CA GLY A 236 3.15 7.63 3.11
C GLY A 236 3.35 8.72 4.15
N ASP A 237 2.94 8.49 5.40
CA ASP A 237 3.18 9.47 6.45
C ASP A 237 4.67 9.67 6.70
N TYR A 238 5.46 8.61 6.55
CA TYR A 238 6.91 8.70 6.56
C TYR A 238 7.42 8.11 5.26
N VAL A 239 8.27 8.85 4.55
CA VAL A 239 8.91 8.35 3.34
C VAL A 239 10.39 8.73 3.40
N ALA A 240 11.27 7.76 3.17
CA ALA A 240 12.71 8.02 3.27
C ALA A 240 13.16 9.08 2.28
N GLY A 241 12.73 8.98 1.03
CA GLY A 241 13.14 9.94 0.02
C GLY A 241 12.03 10.86 -0.44
N GLY A 242 10.96 10.94 0.35
CA GLY A 242 9.81 11.73 -0.02
C GLY A 242 9.92 13.19 0.41
N SER A 243 10.53 13.42 1.57
CA SER A 243 10.68 14.77 2.10
C SER A 243 11.63 15.60 1.24
N LEU A 248 23.31 13.55 -5.42
CA LEU A 248 22.08 13.02 -4.87
C LEU A 248 21.65 11.74 -5.59
N ASP A 249 22.52 10.72 -5.60
CA ASP A 249 22.15 9.44 -6.19
C ASP A 249 22.66 8.24 -5.39
N PHE A 250 22.84 8.38 -4.07
CA PHE A 250 23.46 7.31 -3.30
C PHE A 250 22.68 6.87 -2.06
N TYR A 251 21.96 7.79 -1.41
CA TYR A 251 21.13 7.35 -0.30
C TYR A 251 19.90 6.60 -0.80
N LYS A 252 19.32 7.07 -1.88
CA LYS A 252 18.08 6.53 -2.42
C LYS A 252 18.20 5.22 -3.22
N PRO A 253 19.29 4.93 -3.94
CA PRO A 253 19.40 3.58 -4.52
C PRO A 253 19.74 2.51 -3.50
N VAL A 254 20.52 2.84 -2.47
CA VAL A 254 20.80 1.89 -1.40
C VAL A 254 19.52 1.50 -0.68
N VAL A 255 18.58 2.44 -0.56
CA VAL A 255 17.30 2.14 0.07
C VAL A 255 16.48 1.22 -0.82
N TRP A 256 16.32 1.57 -2.10
CA TRP A 256 15.51 0.75 -3.00
CA TRP A 256 15.49 0.74 -2.97
C TRP A 256 16.10 -0.64 -3.20
N PHE A 257 17.39 -0.82 -2.92
CA PHE A 257 17.94 -2.17 -2.95
C PHE A 257 17.63 -2.90 -1.64
N TRP A 258 17.75 -2.19 -0.52
CA TRP A 258 17.20 -2.67 0.76
C TRP A 258 15.74 -3.07 0.62
N ILE A 259 14.89 -2.15 0.13
CA ILE A 259 13.48 -2.44 -0.05
C ILE A 259 13.30 -3.73 -0.85
N LEU A 260 14.07 -3.86 -1.93
CA LEU A 260 13.99 -5.05 -2.77
C LEU A 260 14.24 -6.33 -1.97
N VAL A 261 15.23 -6.32 -1.09
CA VAL A 261 15.58 -7.53 -0.36
C VAL A 261 14.73 -7.69 0.90
N GLY A 262 14.36 -6.59 1.54
CA GLY A 262 13.52 -6.68 2.73
C GLY A 262 12.12 -7.14 2.43
N LEU A 263 11.60 -6.84 1.24
CA LEU A 263 10.29 -7.35 0.85
C LEU A 263 10.29 -8.87 0.78
N ALA A 264 11.35 -9.46 0.20
CA ALA A 264 11.49 -10.91 0.23
C ALA A 264 11.58 -11.41 1.66
N TYR A 265 12.17 -10.62 2.55
CA TYR A 265 12.28 -11.03 3.95
C TYR A 265 10.94 -11.07 4.64
N PHE A 266 10.17 -9.97 4.59
CA PHE A 266 8.86 -10.02 5.23
C PHE A 266 7.92 -11.00 4.54
N ALA A 267 8.08 -11.19 3.23
CA ALA A 267 7.27 -12.20 2.54
C ALA A 267 7.44 -13.56 3.19
N ALA A 268 8.68 -13.93 3.52
CA ALA A 268 8.92 -15.18 4.25
C ALA A 268 8.39 -15.09 5.67
N VAL A 269 8.56 -13.95 6.32
CA VAL A 269 8.07 -13.80 7.70
C VAL A 269 6.56 -13.89 7.73
N LEU A 270 5.88 -13.20 6.81
CA LEU A 270 4.42 -13.23 6.77
C LEU A 270 3.90 -14.64 6.49
N SER A 271 4.64 -15.40 5.68
CA SER A 271 4.20 -16.76 5.37
C SER A 271 4.37 -17.69 6.57
N MET A 272 5.44 -17.51 7.34
CA MET A 272 5.61 -18.31 8.55
C MET A 272 4.52 -17.99 9.56
N ILE A 273 4.28 -16.70 9.80
CA ILE A 273 3.23 -16.29 10.73
C ILE A 273 1.89 -16.89 10.31
N GLY A 274 1.60 -16.89 9.01
CA GLY A 274 0.42 -17.57 8.53
C GLY A 274 0.43 -19.05 8.84
N ASP A 275 1.60 -19.67 8.78
CA ASP A 275 1.71 -21.09 9.14
C ASP A 275 1.54 -21.28 10.64
N TRP A 276 2.04 -20.34 11.45
CA TRP A 276 1.79 -20.42 12.89
C TRP A 276 0.30 -20.28 13.18
N LEU A 277 -0.38 -19.37 12.48
CA LEU A 277 -1.81 -19.22 12.65
C LEU A 277 -2.55 -20.49 12.27
N ARG A 278 -2.10 -21.15 11.19
CA ARG A 278 -2.72 -22.41 10.78
C ARG A 278 -2.55 -23.48 11.85
N VAL A 279 -1.38 -23.54 12.48
CA VAL A 279 -1.15 -24.52 13.53
C VAL A 279 -2.01 -24.21 14.76
N ILE A 280 -2.03 -22.94 15.16
CA ILE A 280 -2.84 -22.54 16.31
C ILE A 280 -4.31 -22.83 16.06
N ALA A 281 -4.79 -22.57 14.84
CA ALA A 281 -6.20 -22.79 14.53
C ALA A 281 -6.56 -24.27 14.59
N LYS A 282 -5.72 -25.14 14.04
CA LYS A 282 -6.00 -26.56 14.08
C LYS A 282 -5.93 -27.10 15.51
N LYS A 283 -5.01 -26.58 16.32
CA LYS A 283 -4.88 -27.04 17.69
C LYS A 283 -5.92 -26.44 18.62
N THR A 284 -6.52 -25.31 18.26
CA THR A 284 -7.69 -24.85 18.99
C THR A 284 -8.95 -25.59 18.56
N LYS A 285 -9.02 -26.03 17.30
CA LYS A 285 -10.16 -26.84 16.87
C LYS A 285 -10.19 -28.19 17.57
N GLU A 286 -9.03 -28.85 17.67
CA GLU A 286 -8.97 -30.13 18.37
C GLU A 286 -9.22 -29.96 19.86
N ALA A 287 -8.93 -28.77 20.41
CA ALA A 287 -9.25 -28.49 21.81
C ALA A 287 -10.73 -28.21 22.00
N VAL A 288 -11.38 -27.56 21.04
CA VAL A 288 -12.83 -27.38 21.09
C VAL A 288 -13.53 -28.72 21.04
N GLY A 289 -13.07 -29.63 20.17
CA GLY A 289 -13.62 -30.97 20.15
C GLY A 289 -13.42 -31.71 21.46
N GLU A 290 -12.25 -31.54 22.08
CA GLU A 290 -12.02 -32.09 23.42
C GLU A 290 -13.00 -31.52 24.43
N PHE A 291 -13.16 -30.19 24.45
CA PHE A 291 -14.02 -29.59 25.46
C PHE A 291 -15.46 -30.08 25.34
N ARG A 292 -16.01 -30.06 24.12
CA ARG A 292 -17.37 -30.53 23.91
C ARG A 292 -17.52 -32.01 24.24
N ALA A 293 -16.50 -32.81 23.93
CA ALA A 293 -16.59 -34.25 24.14
C ALA A 293 -16.71 -34.60 25.62
N HIS A 294 -15.89 -33.95 26.47
CA HIS A 294 -15.97 -34.22 27.90
C HIS A 294 -17.10 -33.44 28.57
N ALA A 295 -17.52 -32.33 27.99
CA ALA A 295 -18.73 -31.67 28.48
C ALA A 295 -19.97 -32.51 28.21
N ALA A 296 -19.97 -33.28 27.11
CA ALA A 296 -21.05 -34.22 26.86
C ALA A 296 -20.92 -35.45 27.76
N GLU A 297 -19.70 -35.94 27.96
CA GLU A 297 -19.42 -36.94 28.98
C GLU A 297 -20.06 -36.56 30.31
N TRP A 298 -19.75 -35.36 30.78
CA TRP A 298 -20.22 -34.92 32.08
C TRP A 298 -21.74 -34.85 32.12
N THR A 299 -22.36 -34.30 31.07
CA THR A 299 -23.81 -34.23 31.00
C THR A 299 -24.43 -35.62 31.09
N ALA A 300 -23.77 -36.62 30.50
CA ALA A 300 -24.26 -37.99 30.60
C ALA A 300 -24.22 -38.50 32.03
N ASN A 301 -23.17 -38.16 32.77
CA ASN A 301 -23.05 -38.55 34.17
C ASN A 301 -24.17 -37.94 35.00
N SER B 18 25.71 -27.83 -7.96
CA SER B 18 25.46 -26.41 -7.79
C SER B 18 25.39 -25.71 -9.14
N ALA B 19 25.17 -26.49 -10.20
CA ALA B 19 25.04 -25.91 -11.53
C ALA B 19 23.69 -25.20 -11.70
N ILE B 20 22.63 -25.76 -11.12
CA ILE B 20 21.32 -25.13 -11.20
C ILE B 20 21.30 -23.81 -10.47
N ASN B 21 22.16 -23.65 -9.45
CA ASN B 21 22.26 -22.37 -8.77
C ASN B 21 22.88 -21.32 -9.67
N VAL B 22 23.86 -21.71 -10.49
CA VAL B 22 24.40 -20.82 -11.51
C VAL B 22 23.32 -20.46 -12.52
N MET B 23 22.48 -21.44 -12.88
CA MET B 23 21.42 -21.19 -13.84
C MET B 23 20.35 -20.29 -13.25
N LYS B 24 20.14 -20.36 -11.93
CA LYS B 24 19.19 -19.47 -11.27
C LYS B 24 19.70 -18.03 -11.27
N TRP B 25 20.98 -17.85 -10.91
CA TRP B 25 21.48 -16.49 -10.72
C TRP B 25 21.51 -15.73 -12.04
N LYS B 26 21.74 -16.44 -13.15
CA LYS B 26 21.66 -15.81 -14.47
C LYS B 26 20.26 -15.28 -14.73
N THR B 27 19.24 -16.13 -14.50
CA THR B 27 17.87 -15.71 -14.75
C THR B 27 17.45 -14.60 -13.80
N VAL B 28 17.88 -14.65 -12.53
CA VAL B 28 17.55 -13.61 -11.58
C VAL B 28 18.16 -12.28 -11.99
N SER B 29 19.43 -12.29 -12.39
CA SER B 29 20.09 -11.04 -12.76
C SER B 29 19.49 -10.44 -14.03
N THR B 30 19.05 -11.28 -14.97
CA THR B 30 18.42 -10.78 -16.19
C THR B 30 17.06 -10.16 -15.91
N ILE B 31 16.27 -10.76 -15.01
CA ILE B 31 14.98 -10.20 -14.64
C ILE B 31 15.17 -8.83 -13.98
N PHE B 32 16.14 -8.73 -13.07
CA PHE B 32 16.51 -7.47 -12.45
C PHE B 32 17.01 -6.43 -13.45
N LEU B 33 17.68 -6.86 -14.53
CA LEU B 33 18.03 -5.90 -15.56
C LEU B 33 16.81 -5.47 -16.36
N VAL B 34 15.85 -6.37 -16.55
CA VAL B 34 14.61 -6.00 -17.24
C VAL B 34 13.79 -5.07 -16.37
N VAL B 35 13.71 -5.34 -15.07
CA VAL B 35 12.94 -4.50 -14.17
C VAL B 35 13.49 -3.08 -14.15
N VAL B 36 14.83 -2.94 -14.12
CA VAL B 36 15.43 -1.62 -14.14
C VAL B 36 15.06 -0.88 -15.42
N LEU B 37 15.19 -1.56 -16.56
CA LEU B 37 14.77 -0.95 -17.82
C LEU B 37 13.31 -0.52 -17.77
N TYR B 38 12.44 -1.44 -17.32
CA TYR B 38 11.02 -1.12 -17.19
C TYR B 38 10.80 0.07 -16.26
N LEU B 39 11.57 0.15 -15.17
CA LEU B 39 11.47 1.29 -14.26
C LEU B 39 11.97 2.56 -14.93
N ILE B 40 13.09 2.49 -15.65
CA ILE B 40 13.58 3.67 -16.36
C ILE B 40 12.56 4.17 -17.37
N ILE B 41 11.92 3.24 -18.09
CA ILE B 41 10.93 3.62 -19.09
C ILE B 41 9.75 4.32 -18.43
N GLY B 42 9.18 3.71 -17.39
CA GLY B 42 8.08 4.35 -16.69
C GLY B 42 8.47 5.67 -16.08
N ALA B 43 9.69 5.74 -15.53
CA ALA B 43 10.22 6.99 -15.00
C ALA B 43 10.11 8.10 -16.03
N THR B 44 10.68 7.87 -17.21
CA THR B 44 10.69 8.89 -18.25
C THR B 44 9.27 9.26 -18.68
N VAL B 45 8.36 8.29 -18.69
CA VAL B 45 7.01 8.57 -19.17
C VAL B 45 6.23 9.40 -18.16
N PHE B 46 6.32 9.05 -16.88
CA PHE B 46 5.61 9.83 -15.85
C PHE B 46 6.15 11.25 -15.78
N LYS B 47 7.47 11.42 -15.74
CA LYS B 47 8.01 12.77 -15.66
C LYS B 47 7.75 13.55 -16.95
N ALA B 48 7.62 12.88 -18.08
CA ALA B 48 7.17 13.55 -19.29
C ALA B 48 5.67 13.76 -19.34
N LEU B 49 4.93 13.23 -18.36
CA LEU B 49 3.51 13.50 -18.21
C LEU B 49 3.17 14.38 -17.02
N GLU B 50 4.13 14.70 -16.15
CA GLU B 50 3.80 15.38 -14.90
C GLU B 50 4.59 16.66 -14.69
N GLN B 51 5.83 16.70 -15.19
CA GLN B 51 6.61 17.94 -15.13
C GLN B 51 5.93 19.15 -15.71
N PRO B 52 5.24 19.09 -16.87
CA PRO B 52 4.59 20.30 -17.37
C PRO B 52 3.58 20.91 -16.41
N GLN B 53 2.63 20.12 -15.92
CA GLN B 53 1.62 20.68 -15.02
C GLN B 53 2.23 21.07 -13.68
N GLU B 54 3.32 20.41 -13.28
CA GLU B 54 4.07 20.83 -12.09
C GLU B 54 4.52 22.28 -12.20
N ILE B 55 5.35 22.57 -13.20
CA ILE B 55 5.97 23.88 -13.33
C ILE B 55 4.93 24.97 -13.51
N SER B 56 3.84 24.67 -14.22
CA SER B 56 2.74 25.62 -14.31
C SER B 56 2.15 25.90 -12.93
N GLN B 57 1.93 24.86 -12.14
CA GLN B 57 1.43 25.06 -10.78
C GLN B 57 2.49 25.70 -9.89
N ARG B 58 3.76 25.34 -10.09
CA ARG B 58 4.84 25.89 -9.27
C ARG B 58 4.99 27.39 -9.48
N THR B 59 4.68 27.88 -10.68
CA THR B 59 4.76 29.31 -10.97
C THR B 59 3.47 30.04 -10.65
N THR B 60 2.31 29.41 -10.88
CA THR B 60 1.03 30.03 -10.53
C THR B 60 0.75 30.02 -9.04
N ILE B 61 1.49 29.23 -8.26
CA ILE B 61 1.37 29.33 -6.81
C ILE B 61 2.23 30.47 -6.28
N VAL B 62 3.33 30.78 -6.96
CA VAL B 62 4.16 31.92 -6.57
C VAL B 62 3.49 33.22 -6.98
N ILE B 63 2.76 33.21 -8.11
CA ILE B 63 1.94 34.36 -8.49
C ILE B 63 0.94 34.69 -7.39
N GLN B 64 0.30 33.66 -6.83
CA GLN B 64 -0.66 33.87 -5.75
C GLN B 64 0.04 34.29 -4.46
N ARG B 65 1.26 33.78 -4.23
CA ARG B 65 2.04 34.21 -3.08
C ARG B 65 2.35 35.71 -3.15
N GLU B 66 2.87 36.15 -4.30
CA GLU B 66 3.25 37.55 -4.44
C GLU B 66 2.04 38.48 -4.45
N LYS B 67 0.92 38.03 -5.02
CA LYS B 67 -0.26 38.87 -5.14
C LYS B 67 -1.09 38.89 -3.85
N PHE B 68 -0.66 38.14 -2.83
CA PHE B 68 -1.29 38.20 -1.52
C PHE B 68 -0.29 38.52 -0.42
N LEU B 69 1.02 38.58 -0.72
CA LEU B 69 1.97 39.36 0.05
C LEU B 69 1.88 40.85 -0.28
N ARG B 70 1.67 41.18 -1.56
CA ARG B 70 1.56 42.59 -1.94
C ARG B 70 0.26 43.19 -1.42
N ALA B 71 -0.85 42.46 -1.52
CA ALA B 71 -2.11 42.94 -0.98
C ALA B 71 -2.08 43.05 0.54
N HIS B 72 -1.20 42.30 1.21
CA HIS B 72 -1.10 42.29 2.67
C HIS B 72 0.35 42.17 3.09
N PRO B 73 1.16 43.21 2.88
CA PRO B 73 2.53 43.20 3.43
C PRO B 73 2.56 43.36 4.94
N CYS B 74 1.41 43.64 5.55
CA CYS B 74 1.21 43.87 6.97
C CYS B 74 1.35 42.60 7.82
N VAL B 75 1.56 41.45 7.22
CA VAL B 75 2.00 40.28 7.97
C VAL B 75 3.50 40.40 8.15
N SER B 76 4.05 39.73 9.17
CA SER B 76 5.51 39.64 9.26
C SER B 76 5.91 38.74 8.10
N ASP B 77 6.06 39.37 6.93
CA ASP B 77 5.92 38.76 5.62
C ASP B 77 6.47 37.34 5.48
N GLN B 78 7.57 37.04 6.18
CA GLN B 78 8.13 35.71 6.04
C GLN B 78 7.22 34.64 6.65
N GLU B 79 6.46 34.98 7.70
CA GLU B 79 5.62 33.99 8.36
C GLU B 79 4.59 33.37 7.43
N LEU B 80 4.27 34.01 6.31
CA LEU B 80 3.44 33.34 5.29
C LEU B 80 3.98 31.94 4.99
N ASP B 81 5.30 31.84 4.82
CA ASP B 81 5.90 30.52 4.54
C ASP B 81 5.84 29.61 5.76
N GLU B 82 6.15 30.12 6.95
CA GLU B 82 5.96 29.32 8.16
C GLU B 82 4.48 29.09 8.46
N LEU B 83 3.61 30.02 8.05
CA LEU B 83 2.17 29.77 8.08
C LEU B 83 1.81 28.58 7.18
N ILE B 84 2.27 28.60 5.93
CA ILE B 84 1.99 27.50 5.02
C ILE B 84 2.53 26.19 5.60
N GLN B 85 3.71 26.24 6.23
CA GLN B 85 4.22 25.07 6.95
C GLN B 85 3.27 24.66 8.06
N GLN B 86 2.74 25.63 8.80
CA GLN B 86 1.79 25.32 9.85
C GLN B 86 0.47 24.81 9.27
N ILE B 87 0.26 24.97 7.97
CA ILE B 87 -0.97 24.51 7.30
C ILE B 87 -0.72 23.18 6.60
N VAL B 88 0.50 22.94 6.13
CA VAL B 88 0.81 21.59 5.64
C VAL B 88 0.85 20.60 6.78
N ALA B 89 0.80 21.07 8.03
CA ALA B 89 0.57 20.19 9.16
C ALA B 89 -0.89 19.74 9.22
N ALA B 90 -1.81 20.55 8.69
CA ALA B 90 -3.20 20.10 8.55
C ALA B 90 -3.30 18.94 7.58
N ASP B 91 -2.28 18.72 6.76
CA ASP B 91 -2.21 17.56 5.89
C ASP B 91 -1.95 16.31 6.72
N PRO B 97 -11.56 23.56 8.82
CA PRO B 97 -11.22 24.21 10.10
C PRO B 97 -12.01 25.47 10.37
N LEU B 98 -12.29 26.25 9.32
CA LEU B 98 -12.49 27.70 9.39
C LEU B 98 -13.54 28.12 10.41
N GLY B 99 -13.56 29.42 10.73
CA GLY B 99 -14.59 30.01 11.58
C GLY B 99 -15.99 29.55 11.24
N ALA B 100 -16.23 29.30 9.95
CA ALA B 100 -17.42 28.61 9.51
C ALA B 100 -17.22 27.11 9.72
N SER B 101 -18.13 26.48 10.48
CA SER B 101 -18.06 25.06 10.82
C SER B 101 -16.78 24.72 11.59
N SER B 102 -16.64 25.34 12.76
CA SER B 102 -15.58 25.02 13.72
C SER B 102 -15.86 23.72 14.48
N ASN B 103 -16.87 22.99 14.00
CA ASN B 103 -17.35 21.75 14.61
C ASN B 103 -17.49 20.69 13.52
N GLN B 104 -16.62 19.70 13.57
CA GLN B 104 -16.50 18.68 12.53
C GLN B 104 -16.87 17.32 13.10
N VAL B 105 -16.64 16.28 12.29
CA VAL B 105 -16.75 14.90 12.73
C VAL B 105 -15.35 14.31 12.79
N SER B 106 -15.24 13.09 13.32
CA SER B 106 -13.95 12.47 13.55
C SER B 106 -13.40 11.81 12.29
N HIS B 107 -12.10 11.55 12.31
CA HIS B 107 -11.46 10.65 11.36
C HIS B 107 -11.08 9.32 11.98
N TRP B 108 -11.19 9.20 13.30
CA TRP B 108 -11.04 7.95 14.04
C TRP B 108 -12.33 7.60 14.76
N ASP B 109 -13.46 7.85 14.11
CA ASP B 109 -14.76 7.61 14.72
C ASP B 109 -15.05 6.12 14.76
N LEU B 110 -16.28 5.76 15.15
CA LEU B 110 -16.65 4.36 15.28
C LEU B 110 -16.55 3.60 13.97
N GLY B 111 -16.58 4.30 12.84
CA GLY B 111 -16.53 3.65 11.55
C GLY B 111 -15.18 3.71 10.85
N SER B 112 -14.52 4.87 10.87
CA SER B 112 -13.30 5.04 10.09
C SER B 112 -12.15 4.18 10.62
N SER B 113 -12.15 3.87 11.93
CA SER B 113 -11.11 3.03 12.48
C SER B 113 -11.20 1.59 11.96
N PHE B 114 -12.39 1.15 11.58
CA PHE B 114 -12.65 -0.17 11.02
C PHE B 114 -12.41 -0.25 9.52
N PHE B 115 -12.49 0.88 8.82
CA PHE B 115 -11.89 1.03 7.49
C PHE B 115 -10.37 1.17 7.53
N PHE B 116 -9.81 1.76 8.59
CA PHE B 116 -8.36 1.83 8.63
CA PHE B 116 -8.35 1.85 8.68
C PHE B 116 -7.73 0.54 9.14
N ALA B 117 -8.44 -0.21 9.98
CA ALA B 117 -7.98 -1.56 10.28
C ALA B 117 -8.05 -2.43 9.03
N GLY B 118 -9.01 -2.15 8.14
CA GLY B 118 -9.06 -2.87 6.88
C GLY B 118 -7.91 -2.54 5.97
N THR B 119 -7.51 -1.26 5.90
CA THR B 119 -6.37 -0.90 5.08
C THR B 119 -5.09 -1.54 5.57
N VAL B 120 -4.99 -1.81 6.87
CA VAL B 120 -3.76 -2.40 7.42
C VAL B 120 -3.64 -3.86 7.02
N ILE B 121 -4.72 -4.63 7.16
CA ILE B 121 -4.63 -6.06 6.89
C ILE B 121 -4.60 -6.35 5.39
N THR B 122 -5.23 -5.49 4.58
CA THR B 122 -5.23 -5.68 3.14
C THR B 122 -3.95 -5.16 2.47
N THR B 123 -3.09 -4.48 3.21
CA THR B 123 -1.86 -3.86 2.72
C THR B 123 -2.13 -2.86 1.59
N ILE B 124 -3.32 -2.27 1.54
CA ILE B 124 -3.58 -1.23 0.56
C ILE B 124 -3.09 0.12 1.09
N GLY B 125 -3.27 0.36 2.39
CA GLY B 125 -2.73 1.52 3.08
C GLY B 125 -2.87 2.85 2.38
N PHE B 126 -4.11 3.34 2.21
CA PHE B 126 -4.30 4.63 1.55
C PHE B 126 -3.50 5.73 2.23
N GLY B 127 -3.41 5.70 3.55
CA GLY B 127 -2.64 6.68 4.29
C GLY B 127 -3.30 8.02 4.46
N ASN B 128 -4.54 8.18 4.01
CA ASN B 128 -5.26 9.42 4.23
C ASN B 128 -5.38 9.78 5.71
N ILE B 129 -5.51 8.80 6.60
CA ILE B 129 -5.42 9.05 8.04
C ILE B 129 -4.53 7.97 8.66
N SER B 130 -3.38 8.38 9.19
CA SER B 130 -2.41 7.48 9.78
C SER B 130 -2.28 7.74 11.29
N PRO B 131 -1.87 6.73 12.06
CA PRO B 131 -1.79 6.93 13.51
C PRO B 131 -0.65 7.85 13.89
N ARG B 132 -0.90 8.69 14.90
CA ARG B 132 0.12 9.61 15.39
C ARG B 132 0.60 9.26 16.79
N THR B 133 -0.18 8.53 17.57
CA THR B 133 0.23 8.12 18.91
C THR B 133 1.26 6.99 18.81
N GLU B 134 2.24 7.03 19.70
CA GLU B 134 3.20 5.93 19.80
C GLU B 134 2.48 4.60 20.06
N GLY B 135 1.48 4.61 20.94
CA GLY B 135 0.69 3.42 21.15
C GLY B 135 -0.02 2.96 19.89
N GLY B 136 -0.51 3.92 19.10
CA GLY B 136 -1.15 3.57 17.84
C GLY B 136 -0.18 3.02 16.82
N LYS B 137 1.03 3.58 16.76
CA LYS B 137 2.04 3.09 15.83
C LYS B 137 2.47 1.67 16.19
N ILE B 138 2.74 1.42 17.47
CA ILE B 138 3.20 0.11 17.89
C ILE B 138 2.09 -0.93 17.70
N PHE B 139 0.86 -0.58 18.09
CA PHE B 139 -0.26 -1.47 17.82
C PHE B 139 -0.41 -1.75 16.34
N CYS B 140 -0.30 -0.71 15.50
CA CYS B 140 -0.45 -0.91 14.06
C CYS B 140 0.60 -1.87 13.51
N ILE B 141 1.81 -1.85 14.08
CA ILE B 141 2.84 -2.80 13.66
C ILE B 141 2.42 -4.23 14.00
N ILE B 142 2.07 -4.48 15.26
CA ILE B 142 1.66 -5.81 15.67
C ILE B 142 0.36 -6.21 14.96
N TYR B 143 -0.54 -5.26 14.76
CA TYR B 143 -1.82 -5.56 14.12
C TYR B 143 -1.62 -5.96 12.67
N ALA B 144 -0.61 -5.40 12.00
CA ALA B 144 -0.32 -5.77 10.62
C ALA B 144 0.33 -7.14 10.55
N LEU B 145 1.34 -7.37 11.39
CA LEU B 145 2.05 -8.64 11.39
C LEU B 145 1.12 -9.83 11.68
N LEU B 146 0.00 -9.58 12.34
CA LEU B 146 -1.00 -10.60 12.57
C LEU B 146 -2.14 -10.56 11.56
N GLY B 147 -2.48 -9.38 11.07
CA GLY B 147 -3.60 -9.22 10.16
C GLY B 147 -3.32 -9.60 8.72
N ILE B 148 -2.11 -9.26 8.25
CA ILE B 148 -1.74 -9.59 6.87
C ILE B 148 -1.84 -11.09 6.59
N PRO B 149 -1.29 -11.99 7.43
CA PRO B 149 -1.49 -13.42 7.16
C PRO B 149 -2.94 -13.84 7.30
N LEU B 150 -3.63 -13.38 8.35
CA LEU B 150 -5.03 -13.74 8.55
C LEU B 150 -5.88 -13.33 7.35
N PHE B 151 -5.74 -12.08 6.90
CA PHE B 151 -6.49 -11.65 5.73
C PHE B 151 -6.08 -12.44 4.49
N GLY B 152 -4.84 -12.94 4.47
CA GLY B 152 -4.43 -13.78 3.36
C GLY B 152 -5.23 -15.07 3.28
N PHE B 153 -5.47 -15.71 4.43
CA PHE B 153 -6.30 -16.90 4.44
C PHE B 153 -7.73 -16.58 4.04
N LEU B 154 -8.25 -15.43 4.48
CA LEU B 154 -9.57 -14.99 4.04
C LEU B 154 -9.62 -14.83 2.53
N LEU B 155 -8.67 -14.08 1.97
CA LEU B 155 -8.68 -13.82 0.54
C LEU B 155 -8.51 -15.11 -0.25
N ALA B 156 -7.72 -16.05 0.27
CA ALA B 156 -7.57 -17.34 -0.38
C ALA B 156 -8.87 -18.13 -0.34
N GLY B 157 -9.58 -18.09 0.79
CA GLY B 157 -10.88 -18.75 0.86
C GLY B 157 -11.89 -18.13 -0.06
N VAL B 158 -11.90 -16.79 -0.15
CA VAL B 158 -12.83 -16.10 -1.04
C VAL B 158 -12.46 -16.37 -2.50
N GLY B 159 -11.17 -16.40 -2.81
CA GLY B 159 -10.75 -16.69 -4.17
C GLY B 159 -11.11 -18.10 -4.60
N ASP B 160 -10.92 -19.07 -3.70
CA ASP B 160 -11.33 -20.44 -4.01
C ASP B 160 -12.84 -20.53 -4.17
N GLN B 161 -13.58 -19.82 -3.31
CA GLN B 161 -15.04 -19.82 -3.41
C GLN B 161 -15.51 -19.28 -4.76
N LEU B 162 -14.95 -18.15 -5.18
CA LEU B 162 -15.38 -17.54 -6.44
C LEU B 162 -14.84 -18.29 -7.65
N GLY B 163 -13.68 -18.92 -7.52
CA GLY B 163 -13.16 -19.75 -8.60
C GLY B 163 -14.00 -20.97 -8.86
N THR B 164 -14.64 -21.51 -7.82
CA THR B 164 -15.54 -22.64 -8.00
C THR B 164 -16.92 -22.19 -8.47
N ILE B 165 -17.35 -20.98 -8.10
CA ILE B 165 -18.57 -20.42 -8.69
C ILE B 165 -18.39 -20.23 -10.19
N PHE B 166 -17.22 -19.74 -10.59
CA PHE B 166 -16.92 -19.66 -12.02
C PHE B 166 -16.78 -21.03 -12.64
N GLY B 167 -16.18 -21.99 -11.92
CA GLY B 167 -16.05 -23.34 -12.46
C GLY B 167 -17.39 -24.01 -12.68
N LYS B 168 -18.35 -23.76 -11.80
CA LYS B 168 -19.70 -24.30 -11.98
C LYS B 168 -20.39 -23.66 -13.17
N GLY B 169 -20.19 -22.36 -13.37
CA GLY B 169 -20.87 -21.66 -14.45
C GLY B 169 -20.27 -21.90 -15.82
N ILE B 170 -18.98 -22.23 -15.89
CA ILE B 170 -18.32 -22.40 -17.18
C ILE B 170 -18.55 -23.79 -17.77
N ALA B 171 -18.88 -24.78 -16.94
CA ALA B 171 -19.13 -26.14 -17.41
C ALA B 171 -20.42 -26.19 -18.23
N GLN B 184 -10.12 -28.35 -27.64
CA GLN B 184 -10.09 -28.31 -26.18
C GLN B 184 -9.42 -27.04 -25.67
N THR B 185 -8.20 -26.77 -26.15
CA THR B 185 -7.47 -25.59 -25.72
C THR B 185 -8.17 -24.31 -26.19
N LYS B 186 -8.81 -24.36 -27.36
CA LYS B 186 -9.46 -23.17 -27.90
C LYS B 186 -10.69 -22.80 -27.08
N ILE B 187 -11.41 -23.81 -26.58
CA ILE B 187 -12.57 -23.55 -25.73
C ILE B 187 -12.15 -22.92 -24.41
N ARG B 188 -10.97 -23.28 -23.90
CA ARG B 188 -10.54 -22.75 -22.62
C ARG B 188 -9.98 -21.33 -22.76
N ILE B 189 -9.50 -20.95 -23.94
CA ILE B 189 -9.18 -19.55 -24.21
C ILE B 189 -10.45 -18.71 -24.22
N ILE B 190 -11.53 -19.23 -24.83
CA ILE B 190 -12.80 -18.54 -24.83
C ILE B 190 -13.34 -18.39 -23.41
N SER B 191 -13.12 -19.41 -22.57
CA SER B 191 -13.58 -19.34 -21.19
C SER B 191 -12.82 -18.29 -20.40
N THR B 192 -11.51 -18.15 -20.65
CA THR B 192 -10.76 -17.09 -20.00
C THR B 192 -11.22 -15.71 -20.46
N ILE B 193 -11.67 -15.59 -21.71
CA ILE B 193 -12.16 -14.31 -22.19
C ILE B 193 -13.45 -13.92 -21.47
N ILE B 194 -14.37 -14.86 -21.31
CA ILE B 194 -15.63 -14.54 -20.63
C ILE B 194 -15.41 -14.34 -19.14
N PHE B 195 -14.36 -14.95 -18.58
CA PHE B 195 -13.98 -14.68 -17.20
C PHE B 195 -13.59 -13.22 -17.02
N ILE B 196 -12.61 -12.77 -17.81
CA ILE B 196 -12.15 -11.38 -17.71
C ILE B 196 -13.28 -10.41 -18.00
N LEU B 197 -14.28 -10.84 -18.78
CA LEU B 197 -15.36 -9.94 -19.18
C LEU B 197 -16.30 -9.67 -18.01
N PHE B 198 -16.95 -10.72 -17.48
CA PHE B 198 -17.71 -10.56 -16.25
C PHE B 198 -16.88 -9.99 -15.11
N GLY B 199 -15.57 -10.22 -15.12
CA GLY B 199 -14.73 -9.66 -14.07
C GLY B 199 -14.72 -8.15 -14.08
N CYS B 200 -14.36 -7.56 -15.22
CA CYS B 200 -14.37 -6.11 -15.34
C CYS B 200 -15.77 -5.53 -15.26
N VAL B 201 -16.80 -6.33 -15.55
CA VAL B 201 -18.17 -5.86 -15.38
C VAL B 201 -18.51 -5.74 -13.91
N LEU B 202 -18.39 -6.84 -13.17
CA LEU B 202 -18.83 -6.86 -11.77
C LEU B 202 -17.89 -6.06 -10.88
N PHE B 203 -16.59 -6.15 -11.09
CA PHE B 203 -15.61 -5.65 -10.12
C PHE B 203 -14.91 -4.37 -10.55
N VAL B 204 -15.11 -3.93 -11.79
CA VAL B 204 -14.50 -2.71 -12.31
C VAL B 204 -15.57 -1.72 -12.78
N ALA B 205 -16.44 -2.15 -13.70
CA ALA B 205 -17.43 -1.25 -14.28
C ALA B 205 -18.44 -0.79 -13.23
N LEU B 206 -19.18 -1.73 -12.65
CA LEU B 206 -20.26 -1.38 -11.73
C LEU B 206 -19.78 -0.60 -10.50
N PRO B 207 -18.72 -1.01 -9.79
CA PRO B 207 -18.32 -0.22 -8.61
C PRO B 207 -17.73 1.14 -8.97
N ALA B 208 -17.10 1.28 -10.14
CA ALA B 208 -16.62 2.59 -10.54
C ALA B 208 -17.77 3.54 -10.82
N VAL B 209 -18.84 3.04 -11.44
CA VAL B 209 -20.01 3.88 -11.68
C VAL B 209 -20.66 4.28 -10.37
N ILE B 210 -20.71 3.37 -9.40
CA ILE B 210 -21.23 3.70 -8.08
C ILE B 210 -20.36 4.75 -7.42
N PHE B 211 -19.04 4.65 -7.57
CA PHE B 211 -18.13 5.63 -7.01
C PHE B 211 -18.25 6.97 -7.73
N LYS B 212 -18.44 6.91 -9.06
CA LYS B 212 -18.63 8.14 -9.82
C LYS B 212 -19.90 8.87 -9.38
N HIS B 213 -20.97 8.11 -9.10
CA HIS B 213 -22.22 8.73 -8.65
C HIS B 213 -22.07 9.35 -7.26
N ILE B 214 -21.74 8.54 -6.26
CA ILE B 214 -21.87 9.00 -4.88
C ILE B 214 -20.71 9.92 -4.51
N GLU B 215 -19.47 9.51 -4.83
CA GLU B 215 -18.31 10.32 -4.50
C GLU B 215 -18.12 11.52 -5.42
N GLY B 216 -18.79 11.56 -6.57
CA GLY B 216 -18.71 12.70 -7.45
C GLY B 216 -17.39 12.78 -8.19
N TRP B 217 -16.93 11.66 -8.73
CA TRP B 217 -15.68 11.58 -9.45
C TRP B 217 -15.96 11.56 -10.95
N SER B 218 -14.90 11.56 -11.75
CA SER B 218 -15.04 11.40 -13.19
C SER B 218 -15.01 9.92 -13.54
N ALA B 219 -15.17 9.61 -14.83
CA ALA B 219 -15.11 8.22 -15.27
C ALA B 219 -13.72 7.64 -15.06
N LEU B 220 -12.68 8.41 -15.38
CA LEU B 220 -11.31 7.93 -15.17
C LEU B 220 -10.97 7.87 -13.69
N ASP B 221 -11.35 8.90 -12.92
CA ASP B 221 -11.06 8.92 -11.49
C ASP B 221 -11.65 7.69 -10.80
N ALA B 222 -12.83 7.25 -11.24
CA ALA B 222 -13.44 6.06 -10.68
C ALA B 222 -12.64 4.81 -11.06
N ILE B 223 -12.34 4.65 -12.34
CA ILE B 223 -11.56 3.49 -12.79
C ILE B 223 -10.16 3.53 -12.21
N TYR B 224 -9.55 4.72 -12.15
CA TYR B 224 -8.26 4.87 -11.49
C TYR B 224 -8.32 4.43 -10.04
N PHE B 225 -9.37 4.83 -9.32
CA PHE B 225 -9.51 4.41 -7.93
C PHE B 225 -9.66 2.91 -7.81
N VAL B 226 -10.43 2.29 -8.70
CA VAL B 226 -10.64 0.84 -8.66
C VAL B 226 -9.32 0.11 -8.87
N VAL B 227 -8.54 0.54 -9.85
CA VAL B 227 -7.28 -0.13 -10.15
C VAL B 227 -6.31 0.02 -8.99
N ILE B 228 -6.12 1.25 -8.50
CA ILE B 228 -5.14 1.49 -7.45
C ILE B 228 -5.53 0.79 -6.16
N THR B 229 -6.82 0.64 -5.91
CA THR B 229 -7.26 -0.04 -4.69
C THR B 229 -7.03 -1.55 -4.78
N LEU B 230 -7.63 -2.19 -5.77
CA LEU B 230 -7.63 -3.65 -5.82
C LEU B 230 -6.29 -4.23 -6.25
N THR B 231 -5.36 -3.42 -6.76
CA THR B 231 -3.98 -3.85 -6.95
C THR B 231 -3.14 -3.68 -5.69
N THR B 232 -3.77 -3.38 -4.55
CA THR B 232 -3.10 -3.23 -3.25
C THR B 232 -2.03 -2.14 -3.27
N ILE B 233 -2.16 -1.16 -4.18
CA ILE B 233 -1.21 -0.05 -4.23
C ILE B 233 -1.69 1.05 -3.29
N GLY B 234 -2.88 1.59 -3.54
CA GLY B 234 -3.50 2.53 -2.62
C GLY B 234 -2.73 3.80 -2.34
N PHE B 235 -2.62 4.70 -3.34
CA PHE B 235 -1.91 5.96 -3.11
C PHE B 235 -2.58 6.79 -2.03
N GLY B 236 -3.91 6.78 -1.97
CA GLY B 236 -4.65 7.63 -1.09
C GLY B 236 -5.08 8.96 -1.69
N ASP B 237 -4.69 9.23 -2.93
CA ASP B 237 -5.16 10.44 -3.60
C ASP B 237 -6.67 10.41 -3.82
N TYR B 238 -7.24 9.21 -4.00
CA TYR B 238 -8.67 9.02 -4.06
C TYR B 238 -9.04 7.94 -3.06
N VAL B 239 -10.04 8.22 -2.22
CA VAL B 239 -10.51 7.28 -1.21
C VAL B 239 -12.03 7.31 -1.19
N ALA B 240 -12.65 6.14 -1.23
CA ALA B 240 -14.11 6.07 -1.18
C ALA B 240 -14.64 6.57 0.16
N GLY B 241 -13.92 6.32 1.26
CA GLY B 241 -14.39 6.73 2.57
C GLY B 241 -13.73 7.99 3.09
N GLY B 242 -13.13 8.78 2.19
CA GLY B 242 -12.43 9.98 2.59
C GLY B 242 -13.30 11.22 2.62
N SER B 243 -14.12 11.40 1.58
CA SER B 243 -14.98 12.58 1.50
C SER B 243 -16.04 12.54 2.59
N ASP B 244 -16.24 13.67 3.25
CA ASP B 244 -17.17 13.77 4.37
C ASP B 244 -18.61 13.94 3.88
N LEU B 248 -23.89 7.18 3.49
CA LEU B 248 -25.18 6.59 3.81
C LEU B 248 -25.03 5.59 4.95
N ASP B 249 -23.76 5.25 5.23
CA ASP B 249 -23.31 4.27 6.21
C ASP B 249 -23.78 2.88 5.80
N PHE B 250 -24.52 2.79 4.70
CA PHE B 250 -24.59 1.54 3.98
C PHE B 250 -23.57 1.52 2.85
N TYR B 251 -23.05 2.70 2.49
CA TYR B 251 -22.00 2.86 1.49
C TYR B 251 -20.84 1.92 1.79
N LYS B 252 -20.24 2.12 2.98
CA LYS B 252 -18.93 1.53 3.26
C LYS B 252 -18.99 0.01 3.48
N PRO B 253 -19.97 -0.57 4.24
CA PRO B 253 -19.99 -2.03 4.42
C PRO B 253 -19.94 -2.77 3.09
N VAL B 254 -20.48 -2.14 2.04
CA VAL B 254 -20.34 -2.65 0.69
C VAL B 254 -18.94 -2.38 0.13
N VAL B 255 -18.30 -1.27 0.54
CA VAL B 255 -16.97 -0.94 0.02
C VAL B 255 -15.95 -1.99 0.43
N TRP B 256 -15.75 -2.16 1.75
CA TRP B 256 -14.69 -3.06 2.20
CA TRP B 256 -14.68 -3.06 2.18
C TRP B 256 -14.92 -4.50 1.74
N PHE B 257 -16.18 -4.87 1.53
CA PHE B 257 -16.54 -6.19 1.00
C PHE B 257 -16.62 -6.22 -0.52
N TRP B 258 -16.75 -5.06 -1.17
CA TRP B 258 -16.27 -4.95 -2.55
C TRP B 258 -14.77 -5.16 -2.62
N ILE B 259 -14.02 -4.47 -1.77
CA ILE B 259 -12.57 -4.58 -1.77
C ILE B 259 -12.16 -6.03 -1.58
N LEU B 260 -12.77 -6.71 -0.61
CA LEU B 260 -12.42 -8.09 -0.31
C LEU B 260 -12.51 -8.98 -1.55
N VAL B 261 -13.62 -8.91 -2.27
CA VAL B 261 -13.80 -9.84 -3.38
C VAL B 261 -13.05 -9.36 -4.61
N GLY B 262 -12.97 -8.04 -4.82
CA GLY B 262 -12.19 -7.52 -5.93
C GLY B 262 -10.71 -7.86 -5.82
N LEU B 263 -10.19 -7.96 -4.60
CA LEU B 263 -8.82 -8.41 -4.42
C LEU B 263 -8.65 -9.85 -4.89
N ALA B 264 -9.63 -10.71 -4.60
CA ALA B 264 -9.60 -12.06 -5.16
C ALA B 264 -9.64 -12.03 -6.68
N TYR B 265 -10.32 -11.04 -7.25
CA TYR B 265 -10.40 -10.95 -8.71
C TYR B 265 -9.08 -10.52 -9.31
N PHE B 266 -8.51 -9.41 -8.86
CA PHE B 266 -7.21 -9.01 -9.42
C PHE B 266 -6.12 -10.03 -9.10
N ALA B 267 -6.25 -10.75 -7.99
CA ALA B 267 -5.29 -11.80 -7.71
C ALA B 267 -5.25 -12.82 -8.85
N ALA B 268 -6.42 -13.20 -9.36
CA ALA B 268 -6.47 -14.09 -10.51
C ALA B 268 -5.99 -13.39 -11.78
N VAL B 269 -6.37 -12.12 -11.94
CA VAL B 269 -5.99 -11.38 -13.14
C VAL B 269 -4.49 -11.13 -13.18
N LEU B 270 -3.93 -10.65 -12.07
CA LEU B 270 -2.49 -10.44 -12.01
C LEU B 270 -1.71 -11.73 -12.22
N SER B 271 -2.27 -12.85 -11.78
CA SER B 271 -1.62 -14.14 -12.02
C SER B 271 -1.65 -14.49 -13.50
N MET B 272 -2.77 -14.20 -14.18
CA MET B 272 -2.83 -14.47 -15.61
C MET B 272 -1.91 -13.56 -16.39
N ILE B 273 -1.80 -12.29 -15.99
CA ILE B 273 -0.88 -11.37 -16.66
C ILE B 273 0.56 -11.85 -16.51
N GLY B 274 0.92 -12.32 -15.30
CA GLY B 274 2.26 -12.85 -15.11
C GLY B 274 2.52 -14.10 -15.95
N ASP B 275 1.51 -14.96 -16.08
CA ASP B 275 1.65 -16.12 -16.94
C ASP B 275 1.85 -15.71 -18.39
N TRP B 276 1.09 -14.71 -18.85
CA TRP B 276 1.28 -14.17 -20.19
C TRP B 276 2.68 -13.60 -20.37
N LEU B 277 3.26 -13.04 -19.31
CA LEU B 277 4.57 -12.40 -19.44
C LEU B 277 5.68 -13.41 -19.70
N ARG B 278 5.61 -14.58 -19.05
CA ARG B 278 6.70 -15.54 -19.23
C ARG B 278 6.57 -16.30 -20.54
N VAL B 279 5.32 -16.52 -21.00
CA VAL B 279 5.12 -17.12 -22.31
C VAL B 279 5.70 -16.22 -23.39
N ILE B 280 5.39 -14.92 -23.32
CA ILE B 280 6.00 -13.97 -24.24
C ILE B 280 7.51 -13.90 -24.03
N ALA B 281 7.94 -13.94 -22.77
CA ALA B 281 9.37 -13.83 -22.48
C ALA B 281 10.16 -15.00 -23.06
N LYS B 282 9.65 -16.23 -22.88
CA LYS B 282 10.37 -17.38 -23.37
C LYS B 282 10.33 -17.49 -24.90
N LYS B 283 9.25 -17.04 -25.53
CA LYS B 283 9.21 -17.06 -26.99
C LYS B 283 9.94 -15.89 -27.63
N THR B 284 10.13 -14.79 -26.90
CA THR B 284 11.06 -13.78 -27.38
C THR B 284 12.50 -14.26 -27.21
N LYS B 285 12.76 -15.14 -26.25
CA LYS B 285 14.11 -15.70 -26.12
C LYS B 285 14.40 -16.68 -27.24
N GLU B 286 13.42 -17.50 -27.64
CA GLU B 286 13.65 -18.41 -28.75
C GLU B 286 13.80 -17.65 -30.06
N ALA B 287 13.12 -16.49 -30.18
CA ALA B 287 13.20 -15.71 -31.40
C ALA B 287 14.53 -14.98 -31.52
N VAL B 288 15.08 -14.50 -30.40
CA VAL B 288 16.38 -13.84 -30.45
C VAL B 288 17.48 -14.84 -30.76
N GLY B 289 17.45 -16.00 -30.09
CA GLY B 289 18.42 -17.03 -30.41
C GLY B 289 18.32 -17.50 -31.85
N GLU B 290 17.10 -17.63 -32.36
CA GLU B 290 16.90 -17.99 -33.76
C GLU B 290 17.26 -16.84 -34.68
N PHE B 291 16.91 -15.61 -34.30
CA PHE B 291 17.34 -14.43 -35.07
C PHE B 291 18.85 -14.41 -35.24
N ARG B 292 19.58 -14.43 -34.12
CA ARG B 292 21.03 -14.38 -34.17
C ARG B 292 21.61 -15.51 -35.03
N ALA B 293 21.14 -16.73 -34.78
CA ALA B 293 21.73 -17.92 -35.38
C ALA B 293 21.72 -17.87 -36.90
N HIS B 294 20.59 -17.49 -37.49
CA HIS B 294 20.50 -17.53 -38.94
C HIS B 294 21.21 -16.33 -39.57
N ALA B 295 21.02 -15.15 -38.98
CA ALA B 295 21.71 -13.92 -39.41
C ALA B 295 21.51 -13.67 -40.91
N ALA B 296 20.26 -13.77 -41.34
CA ALA B 296 19.88 -13.59 -42.75
C ALA B 296 20.68 -14.53 -43.65
N GLU B 297 20.73 -15.79 -43.25
CA GLU B 297 21.45 -16.84 -43.98
C GLU B 297 22.91 -16.48 -44.18
N RU3 C . -2.04 15.61 1.01
C RU3 C . 0.51 13.49 1.91
O RU3 C . -3.94 13.85 1.34
C1 RU3 C . -6.50 17.44 0.07
N1 RU3 C . -2.38 13.79 -0.74
N2 RU3 C . -2.22 12.02 1.07
N3 RU3 C . -1.89 13.81 2.82
N4 RU3 C . -4.39 15.72 -0.49
N5 RU3 C . -5.95 13.74 -0.21
N6 RU3 C . -6.23 14.31 2.26
N7 RU3 C . -4.65 16.25 2.02
O1 RU3 C . -0.37 13.76 0.79
O2 RU3 C . 0.31 12.52 2.63
O3 RU3 C . -6.68 16.07 0.49
O4 RU3 C . -6.63 17.76 -1.11
RU RU3 C . -5.29 14.99 0.89
RU1 RU3 C . -2.16 13.82 1.04
CD CD D . -8.88 -35.14 27.45
K K E . 0.17 -0.54 -0.45
K K F . -0.23 2.51 0.04
K K G . 1.31 -8.03 -2.79
C1 OCT H . -9.28 -19.92 14.53
C2 OCT H . -8.77 -19.18 15.77
C3 OCT H . -8.04 -17.91 15.35
C4 OCT H . -7.11 -17.46 16.47
C5 OCT H . -6.26 -16.28 16.00
C6 OCT H . -5.43 -15.73 17.16
C7 OCT H . -4.25 -14.94 16.61
C8 OCT H . -3.57 -14.18 17.75
C1 OCT I . -12.64 -18.36 17.48
C2 OCT I . -11.37 -18.04 18.25
C3 OCT I . -10.91 -16.62 17.91
C4 OCT I . -9.78 -16.21 18.87
C5 OCT I . -10.10 -14.83 19.44
C6 OCT I . -9.19 -13.78 18.79
C7 OCT I . -8.12 -13.35 19.80
C8 OCT I . -7.05 -12.50 19.10
C1 LNK J . 21.33 -6.08 4.00
C2 LNK J . 21.71 -7.56 3.98
C3 LNK J . 22.48 -7.87 2.70
C4 LNK J . 22.79 -9.37 2.64
C5 LNK J . 23.71 -9.66 1.45
CD CD K . -11.94 16.34 6.85
CD CD L . 13.71 -22.09 -37.81
K K M . 0.28 -4.22 -0.94
K K N . -0.49 5.60 0.50
C1 OCT O . 17.17 -7.29 -23.33
C2 OCT O . 15.76 -6.95 -23.79
C3 OCT O . 15.10 -6.20 -22.64
C4 OCT O . 13.58 -6.15 -22.80
C5 OCT O . 13.21 -5.56 -24.16
C6 OCT O . 11.90 -4.79 -23.99
C7 OCT O . 12.03 -3.81 -22.81
C8 OCT O . 10.66 -3.28 -22.45
C1 OCT P . 11.71 -9.32 -24.92
C2 OCT P . 13.19 -9.30 -24.54
C3 OCT P . 13.57 -10.63 -23.88
C4 OCT P . 15.01 -10.56 -23.40
C5 OCT P . 15.42 -11.92 -22.84
C6 OCT P . 16.94 -12.00 -22.72
C7 OCT P . 17.33 -13.34 -22.11
C8 OCT P . 18.86 -13.49 -22.07
C1 HEX Q . -1.52 -2.38 22.88
C2 HEX Q . -1.13 -0.91 22.81
C3 HEX Q . -0.13 -0.60 23.92
C4 HEX Q . 0.44 0.80 23.73
C5 HEX Q . 1.94 0.77 24.05
C6 HEX Q . 2.48 2.20 24.09
#